data_5IC1
#
_entry.id   5IC1
#
_cell.length_a   60.633
_cell.length_b   67.193
_cell.length_c   65.955
_cell.angle_alpha   90.00
_cell.angle_beta   101.48
_cell.angle_gamma   90.00
#
_symmetry.space_group_name_H-M   'P 1 21 1'
#
loop_
_entity.id
_entity.type
_entity.pdbx_description
1 polymer Talin-1
2 non-polymer 1,2-ETHANEDIOL
3 water water
#
_entity_poly.entity_id   1
_entity_poly.type   'polypeptide(L)'
_entity_poly.pdbx_seq_one_letter_code
;GHMAPGQKECDNALRQLETVRELLENPVQPINDMSYFGCLDSVMENSKVLGEAMTGISQNAKNGNLPEFGDAIATASKAL
CGFTEAAAQAAYLVGVSDPNSQAGQQGLVEPTQFARANQAIQMACQSLGEPGCTQAQVLSAATIVAKHTSALCNSCRLAS
ARTANPTAKRQFVQSAKEVANSTANLVKTIKALDGDFTEENRAQCRAATAPLLEAVDNLSAFASNPEFSSVPAQISPEGR
AAMEPIVISAKTMLESAGGLIQTARALAVNPRDPPRWSVLAGHSRTVSDSIKKLITSMRDKAPGQLECETAIAALNSCLR
DLDQASLAAVSQQLAPREGISQEALHTQMLTAVQEISHLIEPLASAARAEASQLGHKVSQMAQYFEPLTLAAVGAASKTL
SHPQQMALLDQTKTLAESALQLLYTAKEAGGNPKQAAHTQYALYEAVYMMTEAVEDLTTTLNEAASAAG
;
_entity_poly.pdbx_strand_id   A
#
loop_
_chem_comp.id
_chem_comp.type
_chem_comp.name
_chem_comp.formula
EDO non-polymer 1,2-ETHANEDIOL 'C2 H6 O2'
#
# COMPACT_ATOMS: atom_id res chain seq x y z
N MET A 3 6.97 -4.54 -38.02
CA MET A 3 7.41 -3.69 -39.17
C MET A 3 6.85 -2.28 -39.07
N ALA A 4 5.52 -2.16 -39.06
CA ALA A 4 4.82 -0.87 -38.96
C ALA A 4 5.17 -0.12 -37.66
N PRO A 5 5.30 1.23 -37.73
CA PRO A 5 5.66 1.98 -36.52
C PRO A 5 4.56 1.89 -35.45
N GLY A 6 4.95 1.60 -34.21
CA GLY A 6 4.00 1.43 -33.11
C GLY A 6 3.73 -0.02 -32.75
N GLN A 7 4.01 -0.94 -33.68
CA GLN A 7 3.82 -2.37 -33.43
C GLN A 7 4.87 -2.91 -32.47
N LYS A 8 6.12 -2.47 -32.62
CA LYS A 8 7.21 -2.89 -31.73
C LYS A 8 6.95 -2.46 -30.29
N GLU A 9 6.48 -1.23 -30.11
CA GLU A 9 6.14 -0.72 -28.78
C GLU A 9 5.05 -1.57 -28.11
N CYS A 10 4.01 -1.92 -28.87
CA CYS A 10 2.95 -2.79 -28.38
C CYS A 10 3.50 -4.16 -28.02
N ASP A 11 4.41 -4.66 -28.86
CA ASP A 11 5.10 -5.94 -28.65
C ASP A 11 5.91 -5.94 -27.35
N ASN A 12 6.70 -4.88 -27.12
CA ASN A 12 7.47 -4.75 -25.89
C ASN A 12 6.61 -4.58 -24.64
N ALA A 13 5.53 -3.82 -24.77
CA ALA A 13 4.58 -3.63 -23.68
C ALA A 13 4.01 -4.96 -23.22
N LEU A 14 3.59 -5.79 -24.18
CA LEU A 14 2.98 -7.07 -23.85
C LEU A 14 3.96 -7.99 -23.12
N ARG A 15 5.21 -8.00 -23.56
CA ARG A 15 6.28 -8.73 -22.89
C ARG A 15 6.52 -8.21 -21.46
N GLN A 16 6.60 -6.88 -21.32
CA GLN A 16 6.75 -6.25 -19.99
C GLN A 16 5.63 -6.59 -19.01
N LEU A 17 4.40 -6.67 -19.51
CA LEU A 17 3.25 -6.98 -18.66
C LEU A 17 3.26 -8.45 -18.23
N GLU A 18 3.70 -9.32 -19.14
CA GLU A 18 3.81 -10.74 -18.84
C GLU A 18 4.92 -10.97 -17.79
N THR A 19 6.06 -10.30 -17.96
CA THR A 19 7.17 -10.41 -17.01
C THR A 19 6.79 -9.92 -15.60
N VAL A 20 6.20 -8.73 -15.52
CA VAL A 20 5.83 -8.14 -14.23
C VAL A 20 4.76 -8.95 -13.48
N ARG A 21 3.99 -9.75 -14.22
CA ARG A 21 2.94 -10.61 -13.63
C ARG A 21 3.54 -11.66 -12.70
N GLU A 22 4.78 -12.04 -12.97
CA GLU A 22 5.52 -13.00 -12.14
C GLU A 22 5.65 -12.56 -10.67
N LEU A 23 5.77 -11.25 -10.45
CA LEU A 23 5.79 -10.69 -9.08
C LEU A 23 4.56 -11.06 -8.27
N LEU A 24 3.47 -11.42 -8.95
CA LEU A 24 2.18 -11.66 -8.30
C LEU A 24 1.92 -13.13 -7.91
N GLU A 25 2.67 -14.05 -8.52
CA GLU A 25 2.40 -15.49 -8.33
C GLU A 25 2.67 -16.01 -6.92
N ASN A 26 3.69 -15.49 -6.26
CA ASN A 26 4.03 -15.91 -4.89
C ASN A 26 4.85 -14.83 -4.15
N PRO A 27 4.18 -13.80 -3.60
CA PRO A 27 4.90 -12.69 -2.93
C PRO A 27 5.42 -13.03 -1.52
N VAL A 28 6.49 -13.84 -1.46
CA VAL A 28 7.06 -14.30 -0.17
C VAL A 28 8.35 -13.56 0.25
N GLN A 29 8.89 -12.76 -0.66
CA GLN A 29 10.06 -11.92 -0.41
C GLN A 29 9.67 -10.47 -0.66
N PRO A 30 10.39 -9.51 -0.05
CA PRO A 30 10.15 -8.12 -0.41
C PRO A 30 10.42 -7.89 -1.90
N ILE A 31 9.58 -7.06 -2.50
CA ILE A 31 9.68 -6.71 -3.92
C ILE A 31 10.67 -5.55 -4.05
N ASN A 32 10.59 -4.62 -3.11
CA ASN A 32 11.43 -3.43 -3.05
C ASN A 32 11.49 -2.94 -1.59
N ASP A 33 11.89 -1.68 -1.42
CA ASP A 33 12.06 -1.08 -0.10
C ASP A 33 10.89 -0.19 0.38
N MET A 34 9.80 -0.12 -0.39
CA MET A 34 8.67 0.74 -0.04
C MET A 34 7.96 0.30 1.24
N SER A 35 7.51 1.28 2.03
CA SER A 35 6.63 1.04 3.16
C SER A 35 5.21 0.95 2.62
N TYR A 36 4.29 0.41 3.43
CA TYR A 36 2.90 0.28 3.00
C TYR A 36 2.33 1.60 2.48
N PHE A 37 2.62 2.70 3.16
CA PHE A 37 2.20 4.03 2.71
C PHE A 37 2.81 4.46 1.38
N GLY A 38 4.05 4.04 1.13
CA GLY A 38 4.71 4.26 -0.16
C GLY A 38 3.99 3.52 -1.29
N CYS A 39 3.59 2.28 -1.04
CA CYS A 39 2.79 1.51 -2.00
C CYS A 39 1.49 2.22 -2.37
N LEU A 40 0.76 2.72 -1.36
CA LEU A 40 -0.47 3.50 -1.59
C LEU A 40 -0.22 4.77 -2.40
N ASP A 41 0.81 5.56 -2.03
CA ASP A 41 1.20 6.75 -2.82
C ASP A 41 1.50 6.42 -4.29
N SER A 42 2.23 5.33 -4.50
CA SER A 42 2.61 4.93 -5.84
C SER A 42 1.40 4.56 -6.71
N VAL A 43 0.44 3.82 -6.15
CA VAL A 43 -0.76 3.49 -6.93
C VAL A 43 -1.58 4.73 -7.29
N MET A 44 -1.64 5.70 -6.39
CA MET A 44 -2.33 6.98 -6.66
C MET A 44 -1.62 7.76 -7.78
N GLU A 45 -0.29 7.86 -7.70
CA GLU A 45 0.51 8.55 -8.72
C GLU A 45 0.41 7.86 -10.09
N ASN A 46 0.49 6.54 -10.10
CA ASN A 46 0.39 5.78 -11.34
C ASN A 46 -0.98 5.79 -11.99
N SER A 47 -2.02 5.95 -11.17
CA SER A 47 -3.40 6.09 -11.64
C SER A 47 -3.55 7.30 -12.55
N LYS A 48 -3.01 8.43 -12.10
CA LYS A 48 -2.99 9.65 -12.89
C LYS A 48 -2.19 9.46 -14.19
N VAL A 49 -1.00 8.88 -14.08
CA VAL A 49 -0.15 8.66 -15.24
C VAL A 49 -0.82 7.71 -16.26
N LEU A 50 -1.37 6.59 -15.79
CA LEU A 50 -2.00 5.62 -16.69
C LEU A 50 -3.23 6.20 -17.38
N GLY A 51 -4.02 6.99 -16.66
CA GLY A 51 -5.21 7.62 -17.20
C GLY A 51 -4.89 8.50 -18.40
N GLU A 52 -3.86 9.33 -18.25
CA GLU A 52 -3.42 10.22 -19.31
C GLU A 52 -2.85 9.45 -20.50
N ALA A 53 -2.11 8.38 -20.21
CA ALA A 53 -1.54 7.53 -21.25
C ALA A 53 -2.61 6.81 -22.07
N MET A 54 -3.67 6.35 -21.40
CA MET A 54 -4.79 5.67 -22.07
C MET A 54 -5.53 6.61 -23.02
N THR A 55 -5.69 7.86 -22.60
CA THR A 55 -6.19 8.93 -23.46
C THR A 55 -5.28 9.10 -24.69
N GLY A 56 -3.97 9.11 -24.46
CA GLY A 56 -2.98 9.25 -25.52
C GLY A 56 -2.98 8.10 -26.53
N ILE A 57 -3.12 6.87 -26.04
CA ILE A 57 -3.23 5.69 -26.91
C ILE A 57 -4.38 5.87 -27.91
N SER A 58 -5.57 6.16 -27.42
CA SER A 58 -6.75 6.26 -28.29
C SER A 58 -6.66 7.39 -29.32
N GLN A 59 -6.28 8.59 -28.84
CA GLN A 59 -6.23 9.78 -29.70
C GLN A 59 -5.18 9.65 -30.80
N ASN A 60 -4.02 9.09 -30.46
CA ASN A 60 -2.95 8.96 -31.46
C ASN A 60 -3.15 7.82 -32.47
N ALA A 61 -3.81 6.75 -32.04
CA ALA A 61 -4.27 5.70 -32.97
C ALA A 61 -5.33 6.23 -33.94
N LYS A 62 -6.17 7.13 -33.44
CA LYS A 62 -7.28 7.67 -34.20
C LYS A 62 -6.76 8.67 -35.24
N ASN A 63 -5.81 9.48 -34.82
CA ASN A 63 -5.28 10.55 -35.67
C ASN A 63 -4.03 10.15 -36.46
N GLY A 64 -3.60 8.89 -36.33
CA GLY A 64 -2.45 8.39 -37.05
C GLY A 64 -1.11 9.01 -36.68
N ASN A 65 -0.97 9.47 -35.44
CA ASN A 65 0.30 9.98 -34.95
CA ASN A 65 0.29 9.98 -34.93
C ASN A 65 1.08 8.84 -34.29
N LEU A 66 1.72 8.03 -35.13
CA LEU A 66 2.34 6.78 -34.69
C LEU A 66 3.46 6.91 -33.66
N PRO A 67 4.36 7.91 -33.81
CA PRO A 67 5.41 8.08 -32.79
C PRO A 67 4.83 8.33 -31.40
N GLU A 68 3.84 9.21 -31.32
CA GLU A 68 3.28 9.60 -30.04
C GLU A 68 2.35 8.53 -29.47
N PHE A 69 1.87 7.66 -30.34
CA PHE A 69 1.14 6.46 -29.97
C PHE A 69 2.07 5.49 -29.24
N GLY A 70 3.29 5.35 -29.75
CA GLY A 70 4.33 4.53 -29.11
C GLY A 70 4.76 5.09 -27.75
N ASP A 71 4.92 6.41 -27.67
CA ASP A 71 5.17 7.09 -26.39
C ASP A 71 4.06 6.75 -25.37
N ALA A 72 2.80 6.76 -25.82
CA ALA A 72 1.66 6.51 -24.93
C ALA A 72 1.59 5.06 -24.47
N ILE A 73 1.87 4.12 -25.38
CA ILE A 73 1.92 2.70 -25.03
C ILE A 73 3.05 2.46 -24.02
N ALA A 74 4.21 3.07 -24.27
CA ALA A 74 5.37 2.94 -23.36
C ALA A 74 5.08 3.51 -21.96
N THR A 75 4.42 4.65 -21.90
CA THR A 75 4.08 5.28 -20.63
C THR A 75 3.05 4.44 -19.86
N ALA A 76 2.06 3.89 -20.57
CA ALA A 76 1.04 3.03 -19.97
C ALA A 76 1.67 1.76 -19.41
N SER A 77 2.60 1.18 -20.15
CA SER A 77 3.31 -0.02 -19.71
C SER A 77 4.13 0.23 -18.44
N LYS A 78 4.76 1.39 -18.35
CA LYS A 78 5.55 1.76 -17.19
C LYS A 78 4.67 1.97 -15.94
N ALA A 79 3.51 2.59 -16.14
CA ALA A 79 2.55 2.81 -15.07
C ALA A 79 1.98 1.47 -14.57
N LEU A 80 1.66 0.58 -15.51
CA LEU A 80 1.08 -0.72 -15.16
C LEU A 80 2.08 -1.60 -14.39
N CYS A 81 3.35 -1.54 -14.78
CA CYS A 81 4.42 -2.21 -14.03
C CYS A 81 4.59 -1.58 -12.64
N GLY A 82 4.48 -0.26 -12.58
CA GLY A 82 4.44 0.48 -11.30
C GLY A 82 3.34 0.00 -10.36
N PHE A 83 2.11 -0.10 -10.87
CA PHE A 83 0.97 -0.63 -10.11
C PHE A 83 1.25 -2.03 -9.56
N THR A 84 1.85 -2.87 -10.41
CA THR A 84 2.06 -4.27 -10.07
C THR A 84 3.13 -4.42 -9.00
N GLU A 85 4.17 -3.61 -9.10
CA GLU A 85 5.24 -3.65 -8.09
C GLU A 85 4.74 -3.21 -6.73
N ALA A 86 3.91 -2.16 -6.70
CA ALA A 86 3.28 -1.69 -5.47
C ALA A 86 2.29 -2.74 -4.94
N ALA A 87 1.52 -3.35 -5.83
CA ALA A 87 0.57 -4.38 -5.45
C ALA A 87 1.29 -5.58 -4.81
N ALA A 88 2.33 -6.07 -5.47
CA ALA A 88 3.08 -7.24 -5.00
C ALA A 88 3.78 -6.97 -3.66
N GLN A 89 4.36 -5.79 -3.52
CA GLN A 89 4.98 -5.35 -2.27
C GLN A 89 3.95 -5.26 -1.13
N ALA A 90 2.79 -4.67 -1.43
CA ALA A 90 1.71 -4.59 -0.45
C ALA A 90 1.25 -5.97 -0.02
N ALA A 91 1.08 -6.88 -0.98
CA ALA A 91 0.67 -8.26 -0.69
C ALA A 91 1.69 -8.93 0.23
N TYR A 92 2.97 -8.70 -0.03
CA TYR A 92 4.03 -9.27 0.79
C TYR A 92 3.98 -8.76 2.22
N LEU A 93 3.81 -7.44 2.38
CA LEU A 93 3.75 -6.82 3.70
C LEU A 93 2.52 -7.28 4.48
N VAL A 94 1.39 -7.42 3.79
CA VAL A 94 0.19 -7.96 4.39
C VAL A 94 0.43 -9.37 4.91
N GLY A 95 0.99 -10.22 4.06
CA GLY A 95 1.25 -11.62 4.38
C GLY A 95 2.14 -11.86 5.58
N VAL A 96 3.24 -11.11 5.69
CA VAL A 96 4.19 -11.30 6.79
C VAL A 96 3.69 -10.77 8.14
N SER A 97 2.87 -9.71 8.10
CA SER A 97 2.37 -9.08 9.33
C SER A 97 1.32 -9.93 10.08
N ASP A 98 0.85 -11.02 9.46
CA ASP A 98 -0.04 -11.96 10.09
C ASP A 98 0.64 -12.62 11.30
N PRO A 99 -0.06 -12.68 12.45
CA PRO A 99 0.44 -13.32 13.68
C PRO A 99 0.99 -14.73 13.48
N ASN A 100 0.32 -15.53 12.67
CA ASN A 100 0.73 -16.92 12.40
C ASN A 100 1.82 -17.03 11.33
N SER A 101 2.26 -15.89 10.80
CA SER A 101 3.26 -15.87 9.75
C SER A 101 4.65 -15.56 10.28
N GLN A 102 5.65 -16.21 9.71
CA GLN A 102 7.04 -16.04 10.10
C GLN A 102 7.85 -15.46 8.94
N ALA A 103 8.39 -14.26 9.15
CA ALA A 103 9.26 -13.62 8.16
C ALA A 103 10.60 -14.34 8.11
N GLY A 104 11.08 -14.61 6.90
CA GLY A 104 12.33 -15.34 6.71
C GLY A 104 13.51 -14.48 7.08
N GLN A 105 14.62 -15.13 7.45
CA GLN A 105 15.85 -14.42 7.78
C GLN A 105 16.38 -13.70 6.54
N GLN A 106 16.71 -12.42 6.71
CA GLN A 106 17.31 -11.65 5.62
C GLN A 106 18.79 -12.00 5.49
N GLY A 107 19.20 -12.38 4.28
CA GLY A 107 20.61 -12.65 4.01
C GLY A 107 21.35 -11.38 3.59
N LEU A 108 22.53 -11.56 3.00
CA LEU A 108 23.32 -10.41 2.53
C LEU A 108 22.66 -9.71 1.35
N VAL A 109 21.91 -10.47 0.55
CA VAL A 109 21.20 -9.96 -0.61
C VAL A 109 19.88 -10.72 -0.81
N GLU A 110 18.94 -10.10 -1.53
CA GLU A 110 17.74 -10.80 -1.97
C GLU A 110 17.90 -11.26 -3.42
N PRO A 111 18.10 -12.59 -3.62
CA PRO A 111 18.42 -13.12 -4.95
C PRO A 111 17.34 -12.81 -6.01
N THR A 112 16.06 -12.78 -5.59
CA THR A 112 14.97 -12.48 -6.52
C THR A 112 15.09 -11.08 -7.09
N GLN A 113 15.40 -10.11 -6.22
CA GLN A 113 15.59 -8.73 -6.67
C GLN A 113 16.77 -8.63 -7.63
N PHE A 114 17.83 -9.38 -7.36
CA PHE A 114 19.00 -9.45 -8.25
C PHE A 114 18.64 -10.04 -9.61
N ALA A 115 17.86 -11.12 -9.61
CA ALA A 115 17.41 -11.78 -10.85
C ALA A 115 16.47 -10.87 -11.66
N ARG A 116 15.56 -10.18 -10.98
CA ARG A 116 14.66 -9.20 -11.61
C ARG A 116 15.45 -8.08 -12.29
N ALA A 117 16.40 -7.50 -11.55
CA ALA A 117 17.25 -6.41 -12.08
C ALA A 117 18.02 -6.86 -13.31
N ASN A 118 18.58 -8.07 -13.24
CA ASN A 118 19.27 -8.74 -14.34
C ASN A 118 18.37 -8.82 -15.57
N GLN A 119 17.11 -9.21 -15.37
CA GLN A 119 16.14 -9.33 -16.46
C GLN A 119 15.73 -7.96 -17.04
N ALA A 120 15.56 -6.96 -16.19
CA ALA A 120 15.19 -5.62 -16.65
C ALA A 120 16.32 -4.97 -17.45
N ILE A 121 17.56 -5.19 -17.03
CA ILE A 121 18.75 -4.66 -17.74
C ILE A 121 18.93 -5.32 -19.11
N GLN A 122 18.73 -6.64 -19.17
CA GLN A 122 18.79 -7.38 -20.43
C GLN A 122 17.81 -6.85 -21.47
N MET A 123 16.55 -6.67 -21.06
CA MET A 123 15.49 -6.15 -21.91
C MET A 123 15.82 -4.75 -22.42
N ALA A 124 16.23 -3.88 -21.50
CA ALA A 124 16.58 -2.50 -21.86
C ALA A 124 17.77 -2.47 -22.81
N CYS A 125 18.80 -3.27 -22.52
CA CYS A 125 19.97 -3.37 -23.40
C CYS A 125 19.63 -3.91 -24.79
N GLN A 126 18.81 -4.94 -24.85
CA GLN A 126 18.36 -5.50 -26.14
C GLN A 126 17.56 -4.50 -26.96
N SER A 127 16.78 -3.65 -26.28
CA SER A 127 16.04 -2.57 -26.91
C SER A 127 16.98 -1.52 -27.52
N LEU A 128 18.10 -1.27 -26.85
CA LEU A 128 19.12 -0.36 -27.35
C LEU A 128 19.89 -0.96 -28.52
N GLY A 129 19.88 -2.29 -28.62
CA GLY A 129 20.57 -3.01 -29.70
C GLY A 129 19.74 -3.14 -30.97
N GLU A 130 18.58 -2.49 -30.98
CA GLU A 130 17.67 -2.50 -32.12
C GLU A 130 18.06 -1.42 -33.13
N PRO A 131 18.15 -1.78 -34.42
CA PRO A 131 18.56 -0.84 -35.48
C PRO A 131 17.59 0.33 -35.68
N GLY A 132 16.30 0.11 -35.44
CA GLY A 132 15.28 1.13 -35.63
C GLY A 132 14.76 1.76 -34.35
N CYS A 133 15.62 1.79 -33.33
CA CYS A 133 15.29 2.35 -32.02
C CYS A 133 15.23 3.89 -32.08
N THR A 134 14.16 4.47 -31.55
CA THR A 134 13.96 5.93 -31.59
C THR A 134 14.57 6.67 -30.39
N GLN A 135 14.49 8.00 -30.42
CA GLN A 135 15.06 8.85 -29.36
C GLN A 135 14.44 8.65 -27.98
N ALA A 136 13.11 8.74 -27.88
CA ALA A 136 12.42 8.55 -26.61
C ALA A 136 12.51 7.10 -26.09
N GLN A 137 12.73 6.14 -27.00
CA GLN A 137 12.97 4.75 -26.61
C GLN A 137 14.35 4.56 -25.97
N VAL A 138 15.35 5.25 -26.51
CA VAL A 138 16.69 5.21 -25.92
C VAL A 138 16.66 5.79 -24.51
N LEU A 139 15.99 6.93 -24.34
CA LEU A 139 15.86 7.57 -23.02
C LEU A 139 15.23 6.69 -21.94
N SER A 140 14.11 6.04 -22.26
CA SER A 140 13.46 5.12 -21.31
C SER A 140 14.30 3.87 -21.00
N ALA A 141 14.93 3.29 -22.02
CA ALA A 141 15.86 2.18 -21.82
C ALA A 141 17.10 2.59 -21.02
N ALA A 142 17.58 3.82 -21.25
CA ALA A 142 18.73 4.35 -20.52
C ALA A 142 18.40 4.59 -19.05
N THR A 143 17.18 5.06 -18.80
CA THR A 143 16.73 5.33 -17.44
C THR A 143 16.55 4.04 -16.64
N ILE A 144 16.03 3.00 -17.31
CA ILE A 144 15.88 1.67 -16.71
C ILE A 144 17.23 1.07 -16.28
N VAL A 145 18.19 1.10 -17.19
CA VAL A 145 19.54 0.58 -16.95
C VAL A 145 20.18 1.27 -15.73
N ALA A 146 20.11 2.60 -15.70
CA ALA A 146 20.69 3.42 -14.63
C ALA A 146 20.09 3.13 -13.26
N LYS A 147 18.78 2.91 -13.22
CA LYS A 147 18.07 2.64 -11.98
C LYS A 147 18.45 1.27 -11.40
N HIS A 148 18.43 0.25 -12.26
CA HIS A 148 18.70 -1.11 -11.80
C HIS A 148 20.16 -1.38 -11.51
N THR A 149 21.06 -0.76 -12.26
CA THR A 149 22.50 -0.88 -11.97
C THR A 149 22.87 -0.15 -10.67
N SER A 150 22.27 1.01 -10.43
CA SER A 150 22.43 1.71 -9.14
C SER A 150 21.94 0.87 -7.96
N ALA A 151 20.77 0.26 -8.10
CA ALA A 151 20.23 -0.62 -7.06
C ALA A 151 21.19 -1.78 -6.80
N LEU A 152 21.66 -2.42 -7.88
CA LEU A 152 22.60 -3.53 -7.77
C LEU A 152 23.90 -3.12 -7.04
N CYS A 153 24.47 -1.97 -7.41
CA CYS A 153 25.70 -1.49 -6.79
C CYS A 153 25.51 -1.13 -5.30
N ASN A 154 24.37 -0.55 -4.97
CA ASN A 154 24.05 -0.21 -3.58
C ASN A 154 23.93 -1.46 -2.69
N SER A 155 23.30 -2.51 -3.22
CA SER A 155 23.15 -3.76 -2.47
C SER A 155 24.48 -4.47 -2.29
N CYS A 156 25.34 -4.39 -3.30
CA CYS A 156 26.72 -4.90 -3.23
C CYS A 156 27.52 -4.22 -2.12
N ARG A 157 27.36 -2.89 -2.01
CA ARG A 157 28.08 -2.09 -1.01
C ARG A 157 27.68 -2.45 0.42
N LEU A 158 26.37 -2.48 0.67
CA LEU A 158 25.85 -2.86 1.98
C LEU A 158 26.22 -4.31 2.32
N ALA A 159 26.19 -5.19 1.32
CA ALA A 159 26.52 -6.60 1.50
C ALA A 159 27.99 -6.81 1.90
N SER A 160 28.90 -6.03 1.32
CA SER A 160 30.31 -6.11 1.66
C SER A 160 30.66 -5.41 2.98
N ALA A 161 29.67 -4.72 3.56
CA ALA A 161 29.83 -4.11 4.88
C ALA A 161 29.25 -5.01 5.98
N ARG A 162 28.25 -5.80 5.62
CA ARG A 162 27.58 -6.68 6.58
C ARG A 162 28.16 -8.10 6.63
N THR A 163 29.18 -8.37 5.80
CA THR A 163 29.74 -9.72 5.68
C THR A 163 30.94 -9.95 6.61
N ALA A 164 31.08 -11.18 7.08
CA ALA A 164 32.26 -11.59 7.85
C ALA A 164 33.30 -12.21 6.92
N ASN A 165 32.82 -12.83 5.84
CA ASN A 165 33.67 -13.47 4.84
C ASN A 165 34.52 -12.46 4.05
N PRO A 166 35.86 -12.51 4.22
CA PRO A 166 36.76 -11.57 3.57
C PRO A 166 36.81 -11.70 2.04
N THR A 167 36.65 -12.93 1.51
CA THR A 167 36.63 -13.15 0.07
C THR A 167 35.34 -12.60 -0.54
N ALA A 168 34.21 -12.80 0.16
CA ALA A 168 32.93 -12.24 -0.26
C ALA A 168 32.95 -10.71 -0.23
N LYS A 169 33.59 -10.15 0.81
CA LYS A 169 33.78 -8.70 0.94
C LYS A 169 34.49 -8.10 -0.27
N ARG A 170 35.58 -8.74 -0.69
CA ARG A 170 36.35 -8.33 -1.86
C ARG A 170 35.59 -8.52 -3.17
N GLN A 171 34.75 -9.56 -3.23
CA GLN A 171 34.04 -9.86 -4.47
C GLN A 171 32.85 -8.94 -4.74
N PHE A 172 32.08 -8.60 -3.70
CA PHE A 172 30.98 -7.67 -3.81
C PHE A 172 31.46 -6.27 -4.20
N VAL A 173 32.61 -5.86 -3.66
CA VAL A 173 33.25 -4.58 -4.00
C VAL A 173 33.75 -4.58 -5.46
N GLN A 174 34.40 -5.67 -5.85
CA GLN A 174 34.88 -5.83 -7.22
C GLN A 174 33.74 -5.83 -8.25
N SER A 175 32.68 -6.60 -7.98
CA SER A 175 31.52 -6.68 -8.86
C SER A 175 30.83 -5.32 -9.02
N ALA A 176 30.74 -4.58 -7.93
CA ALA A 176 30.20 -3.22 -7.93
C ALA A 176 31.04 -2.32 -8.83
N LYS A 177 32.37 -2.42 -8.71
CA LYS A 177 33.27 -1.67 -9.58
C LYS A 177 33.00 -1.97 -11.06
N GLU A 178 32.89 -3.25 -11.40
CA GLU A 178 32.66 -3.65 -12.80
C GLU A 178 31.32 -3.13 -13.33
N VAL A 179 30.24 -3.35 -12.58
CA VAL A 179 28.92 -2.85 -12.97
C VAL A 179 28.96 -1.32 -13.13
N ALA A 180 29.50 -0.62 -12.14
CA ALA A 180 29.59 0.86 -12.19
C ALA A 180 30.41 1.36 -13.38
N ASN A 181 31.63 0.84 -13.53
CA ASN A 181 32.49 1.21 -14.68
C ASN A 181 31.88 0.92 -16.05
N SER A 182 31.21 -0.23 -16.17
CA SER A 182 30.46 -0.58 -17.38
C SER A 182 29.35 0.42 -17.71
N THR A 183 28.48 0.71 -16.74
CA THR A 183 27.32 1.57 -16.99
C THR A 183 27.73 3.03 -17.23
N ALA A 184 28.82 3.46 -16.59
CA ALA A 184 29.42 4.77 -16.82
C ALA A 184 29.86 4.92 -18.28
N ASN A 185 30.48 3.87 -18.82
CA ASN A 185 30.91 3.84 -20.22
CA ASN A 185 30.91 3.85 -20.22
C ASN A 185 29.72 3.88 -21.18
N LEU A 186 28.62 3.22 -20.80
CA LEU A 186 27.39 3.25 -21.59
C LEU A 186 26.74 4.64 -21.53
N VAL A 187 26.59 5.18 -20.33
CA VAL A 187 26.03 6.52 -20.13
C VAL A 187 26.73 7.58 -21.00
N LYS A 188 28.06 7.52 -21.08
CA LYS A 188 28.83 8.44 -21.94
C LYS A 188 28.45 8.32 -23.42
N THR A 189 28.29 7.08 -23.93
CA THR A 189 27.90 6.87 -25.33
C THR A 189 26.48 7.36 -25.59
N ILE A 190 25.61 7.30 -24.58
CA ILE A 190 24.24 7.79 -24.70
C ILE A 190 24.20 9.33 -24.75
N LYS A 191 24.97 9.97 -23.88
CA LYS A 191 25.17 11.43 -23.92
C LYS A 191 25.67 11.93 -25.28
N ALA A 192 26.53 11.16 -25.93
CA ALA A 192 27.07 11.51 -27.26
C ALA A 192 25.99 11.61 -28.35
N LEU A 193 24.79 11.10 -28.06
CA LEU A 193 23.68 11.11 -29.02
C LEU A 193 23.00 12.48 -29.16
N ASP A 194 23.13 13.34 -28.14
CA ASP A 194 22.52 14.67 -28.17
C ASP A 194 22.89 15.42 -29.45
N GLY A 195 21.87 15.94 -30.15
CA GLY A 195 22.04 16.62 -31.43
C GLY A 195 22.90 15.92 -32.47
N ASP A 196 22.92 14.59 -32.43
CA ASP A 196 23.76 13.80 -33.33
C ASP A 196 22.98 12.60 -33.89
N PHE A 197 22.61 11.69 -33.00
CA PHE A 197 21.74 10.53 -33.31
C PHE A 197 22.00 9.81 -34.65
N THR A 198 23.26 9.51 -34.93
CA THR A 198 23.66 8.83 -36.17
C THR A 198 23.82 7.32 -35.98
N GLU A 199 23.92 6.61 -37.11
CA GLU A 199 24.13 5.16 -37.14
C GLU A 199 25.47 4.78 -36.51
N GLU A 200 26.51 5.57 -36.77
CA GLU A 200 27.83 5.36 -36.16
C GLU A 200 27.78 5.46 -34.63
N ASN A 201 26.91 6.32 -34.11
CA ASN A 201 26.78 6.53 -32.67
C ASN A 201 25.90 5.52 -31.94
N ARG A 202 24.76 5.15 -32.55
CA ARG A 202 23.93 4.08 -32.00
C ARG A 202 24.73 2.78 -31.92
N ALA A 203 25.67 2.61 -32.85
CA ALA A 203 26.57 1.44 -32.86
C ALA A 203 27.56 1.46 -31.69
N GLN A 204 27.99 2.67 -31.29
CA GLN A 204 28.81 2.83 -30.09
C GLN A 204 28.07 2.32 -28.85
N CYS A 205 26.79 2.72 -28.72
CA CYS A 205 25.94 2.33 -27.58
C CYS A 205 25.76 0.82 -27.47
N ARG A 206 25.39 0.19 -28.59
CA ARG A 206 25.20 -1.26 -28.66
C ARG A 206 26.45 -1.98 -28.15
N ALA A 207 27.61 -1.57 -28.69
CA ALA A 207 28.91 -2.10 -28.28
C ALA A 207 29.17 -1.98 -26.78
N ALA A 208 28.74 -0.87 -26.19
CA ALA A 208 28.97 -0.62 -24.77
C ALA A 208 28.07 -1.45 -23.84
N THR A 209 26.99 -2.03 -24.36
CA THR A 209 26.07 -2.83 -23.53
C THR A 209 26.66 -4.19 -23.13
N ALA A 210 27.49 -4.75 -24.00
CA ALA A 210 28.03 -6.09 -23.80
C ALA A 210 28.85 -6.24 -22.51
N PRO A 211 29.83 -5.32 -22.26
CA PRO A 211 30.53 -5.39 -20.97
C PRO A 211 29.63 -5.15 -19.74
N LEU A 212 28.52 -4.43 -19.91
CA LEU A 212 27.57 -4.26 -18.81
C LEU A 212 26.80 -5.56 -18.56
N LEU A 213 26.23 -6.13 -19.62
CA LEU A 213 25.45 -7.38 -19.53
C LEU A 213 26.26 -8.51 -18.92
N GLU A 214 27.52 -8.59 -19.32
CA GLU A 214 28.48 -9.59 -18.83
C GLU A 214 28.78 -9.39 -17.34
N ALA A 215 28.97 -8.14 -16.92
CA ALA A 215 29.20 -7.82 -15.50
C ALA A 215 27.97 -8.11 -14.65
N VAL A 216 26.79 -7.75 -15.17
CA VAL A 216 25.52 -7.97 -14.47
C VAL A 216 25.21 -9.47 -14.32
N ASP A 217 25.42 -10.22 -15.39
CA ASP A 217 25.17 -11.68 -15.37
C ASP A 217 26.15 -12.44 -14.45
N ASN A 218 27.39 -11.94 -14.36
CA ASN A 218 28.37 -12.45 -13.38
C ASN A 218 27.96 -12.17 -11.94
N LEU A 219 27.51 -10.95 -11.68
CA LEU A 219 27.02 -10.57 -10.36
C LEU A 219 25.82 -11.41 -9.92
N SER A 220 24.90 -11.67 -10.85
CA SER A 220 23.69 -12.46 -10.57
C SER A 220 24.01 -13.91 -10.22
N ALA A 221 24.88 -14.52 -11.00
CA ALA A 221 25.35 -15.88 -10.70
C ALA A 221 25.92 -15.93 -9.29
N PHE A 222 26.96 -15.13 -9.05
CA PHE A 222 27.66 -15.07 -7.76
C PHE A 222 26.72 -14.83 -6.57
N ALA A 223 25.71 -13.98 -6.77
CA ALA A 223 24.78 -13.63 -5.69
C ALA A 223 23.75 -14.71 -5.36
N SER A 224 23.63 -15.72 -6.21
CA SER A 224 22.63 -16.78 -6.02
C SER A 224 23.16 -17.95 -5.18
N ASN A 225 24.42 -17.84 -4.74
CA ASN A 225 25.04 -18.80 -3.83
C ASN A 225 24.26 -18.90 -2.49
N PRO A 226 24.05 -20.14 -1.98
CA PRO A 226 23.30 -20.35 -0.73
C PRO A 226 23.81 -19.54 0.46
N GLU A 227 25.11 -19.23 0.49
CA GLU A 227 25.70 -18.46 1.58
C GLU A 227 25.08 -17.07 1.75
N PHE A 228 24.58 -16.49 0.65
CA PHE A 228 24.09 -15.10 0.65
C PHE A 228 22.58 -14.94 0.72
N SER A 229 21.85 -15.92 0.18
CA SER A 229 20.40 -15.79 -0.04
C SER A 229 19.57 -15.63 1.24
N SER A 230 18.42 -15.00 1.10
CA SER A 230 17.45 -14.86 2.18
C SER A 230 16.58 -16.10 2.26
N VAL A 231 16.06 -16.39 3.44
CA VAL A 231 15.06 -17.44 3.60
C VAL A 231 13.72 -16.85 3.21
N PRO A 232 13.04 -17.43 2.20
CA PRO A 232 11.68 -16.97 1.90
C PRO A 232 10.80 -17.11 3.14
N ALA A 233 9.82 -16.23 3.27
CA ALA A 233 8.97 -16.19 4.46
C ALA A 233 7.97 -17.35 4.45
N GLN A 234 7.50 -17.72 5.65
CA GLN A 234 6.42 -18.69 5.78
C GLN A 234 5.13 -17.93 6.09
N ILE A 235 4.25 -17.85 5.10
CA ILE A 235 2.99 -17.11 5.22
C ILE A 235 1.84 -18.06 5.54
N SER A 236 1.19 -17.82 6.67
CA SER A 236 0.06 -18.63 7.12
C SER A 236 -1.09 -18.62 6.11
N PRO A 237 -2.02 -19.60 6.23
CA PRO A 237 -3.21 -19.62 5.37
C PRO A 237 -4.06 -18.36 5.48
N GLU A 238 -4.00 -17.69 6.65
CA GLU A 238 -4.72 -16.45 6.90
C GLU A 238 -4.09 -15.28 6.15
N GLY A 239 -2.76 -15.21 6.19
CA GLY A 239 -1.99 -14.22 5.44
C GLY A 239 -2.28 -14.34 3.95
N ARG A 240 -2.25 -15.58 3.44
CA ARG A 240 -2.61 -15.84 2.04
C ARG A 240 -4.00 -15.28 1.70
N ALA A 241 -4.97 -15.50 2.59
CA ALA A 241 -6.33 -15.02 2.42
C ALA A 241 -6.43 -13.49 2.39
N ALA A 242 -5.62 -12.83 3.22
CA ALA A 242 -5.63 -11.37 3.30
C ALA A 242 -5.00 -10.72 2.07
N MET A 243 -3.98 -11.36 1.50
CA MET A 243 -3.31 -10.80 0.33
C MET A 243 -4.10 -11.06 -0.97
N GLU A 244 -5.00 -12.04 -0.93
CA GLU A 244 -5.73 -12.49 -2.12
C GLU A 244 -6.47 -11.39 -2.91
N PRO A 245 -7.34 -10.58 -2.26
CA PRO A 245 -7.99 -9.46 -2.98
C PRO A 245 -7.04 -8.54 -3.76
N ILE A 246 -5.90 -8.22 -3.16
CA ILE A 246 -4.87 -7.38 -3.79
C ILE A 246 -4.29 -8.06 -5.04
N VAL A 247 -4.01 -9.36 -4.91
CA VAL A 247 -3.42 -10.15 -5.99
C VAL A 247 -4.38 -10.29 -7.17
N ILE A 248 -5.60 -10.76 -6.90
CA ILE A 248 -6.67 -10.90 -7.89
C ILE A 248 -6.91 -9.61 -8.69
N SER A 249 -7.02 -8.48 -7.99
CA SER A 249 -7.25 -7.18 -8.62
C SER A 249 -6.15 -6.79 -9.58
N ALA A 250 -4.90 -7.00 -9.17
CA ALA A 250 -3.75 -6.64 -9.99
C ALA A 250 -3.63 -7.58 -11.20
N LYS A 251 -4.00 -8.84 -11.03
CA LYS A 251 -4.05 -9.79 -12.15
C LYS A 251 -5.11 -9.40 -13.19
N THR A 252 -6.28 -8.97 -12.74
CA THR A 252 -7.36 -8.56 -13.63
C THR A 252 -6.93 -7.31 -14.41
N MET A 253 -6.28 -6.38 -13.72
CA MET A 253 -5.71 -5.18 -14.34
C MET A 253 -4.76 -5.54 -15.48
N LEU A 254 -3.84 -6.46 -15.23
CA LEU A 254 -2.84 -6.85 -16.24
C LEU A 254 -3.47 -7.58 -17.43
N GLU A 255 -4.45 -8.43 -17.15
CA GLU A 255 -5.13 -9.18 -18.19
C GLU A 255 -5.88 -8.28 -19.16
N SER A 256 -6.69 -7.37 -18.62
CA SER A 256 -7.48 -6.45 -19.43
C SER A 256 -6.63 -5.40 -20.15
N ALA A 257 -5.51 -5.01 -19.54
CA ALA A 257 -4.59 -4.05 -20.15
C ALA A 257 -3.85 -4.68 -21.33
N GLY A 258 -3.54 -5.98 -21.22
CA GLY A 258 -3.06 -6.77 -22.34
C GLY A 258 -4.05 -6.71 -23.50
N GLY A 259 -5.33 -6.96 -23.19
CA GLY A 259 -6.41 -6.86 -24.17
C GLY A 259 -6.49 -5.48 -24.81
N LEU A 260 -6.40 -4.42 -23.99
CA LEU A 260 -6.39 -3.05 -24.50
C LEU A 260 -5.25 -2.84 -25.51
N ILE A 261 -4.04 -3.29 -25.17
CA ILE A 261 -2.88 -3.12 -26.05
C ILE A 261 -2.99 -3.92 -27.35
N GLN A 262 -3.40 -5.18 -27.26
CA GLN A 262 -3.59 -6.02 -28.45
C GLN A 262 -4.55 -5.33 -29.44
N THR A 263 -5.68 -4.83 -28.95
CA THR A 263 -6.65 -4.09 -29.76
C THR A 263 -6.05 -2.78 -30.29
N ALA A 264 -5.40 -2.01 -29.42
CA ALA A 264 -4.75 -0.76 -29.82
C ALA A 264 -3.80 -0.96 -31.00
N ARG A 265 -3.09 -2.08 -30.98
CA ARG A 265 -2.11 -2.45 -31.99
C ARG A 265 -2.73 -2.55 -33.39
N ALA A 266 -3.87 -3.24 -33.49
CA ALA A 266 -4.63 -3.32 -34.74
C ALA A 266 -5.20 -1.96 -35.16
N LEU A 267 -5.70 -1.19 -34.20
CA LEU A 267 -6.30 0.12 -34.48
C LEU A 267 -5.27 1.12 -35.01
N ALA A 268 -4.04 1.06 -34.51
CA ALA A 268 -2.97 1.92 -35.00
C ALA A 268 -2.74 1.70 -36.49
N VAL A 269 -2.86 0.45 -36.92
CA VAL A 269 -2.76 0.10 -38.34
C VAL A 269 -4.02 0.52 -39.12
N ASN A 270 -5.19 0.12 -38.64
CA ASN A 270 -6.45 0.52 -39.28
C ASN A 270 -7.47 1.09 -38.29
N PRO A 271 -7.51 2.42 -38.15
CA PRO A 271 -8.39 3.08 -37.17
C PRO A 271 -9.88 3.09 -37.56
N ARG A 272 -10.18 2.90 -38.84
CA ARG A 272 -11.57 2.85 -39.30
C ARG A 272 -12.16 1.46 -39.00
N ASP A 273 -12.56 1.25 -37.74
CA ASP A 273 -12.97 -0.06 -37.25
C ASP A 273 -13.84 0.05 -36.00
N PRO A 274 -15.15 0.38 -36.17
CA PRO A 274 -16.01 0.51 -34.98
C PRO A 274 -16.07 -0.70 -34.03
N PRO A 275 -16.13 -1.95 -34.54
CA PRO A 275 -16.05 -3.10 -33.63
C PRO A 275 -14.86 -3.10 -32.67
N ARG A 276 -13.69 -2.69 -33.14
CA ARG A 276 -12.50 -2.71 -32.30
C ARG A 276 -12.46 -1.54 -31.32
N TRP A 277 -13.11 -0.42 -31.68
CA TRP A 277 -13.26 0.68 -30.75
C TRP A 277 -14.13 0.30 -29.59
N SER A 278 -15.14 -0.52 -29.88
CA SER A 278 -16.00 -1.10 -28.85
C SER A 278 -15.23 -2.09 -27.96
N VAL A 279 -14.35 -2.89 -28.56
CA VAL A 279 -13.52 -3.81 -27.78
C VAL A 279 -12.49 -3.04 -26.91
N LEU A 280 -11.88 -2.00 -27.48
CA LEU A 280 -10.94 -1.18 -26.72
C LEU A 280 -11.63 -0.53 -25.51
N ALA A 281 -12.81 0.04 -25.72
CA ALA A 281 -13.60 0.65 -24.62
C ALA A 281 -13.92 -0.36 -23.51
N GLY A 282 -14.37 -1.55 -23.89
CA GLY A 282 -14.57 -2.65 -22.94
C GLY A 282 -13.37 -2.93 -22.03
N HIS A 283 -12.20 -3.13 -22.64
CA HIS A 283 -10.98 -3.41 -21.88
C HIS A 283 -10.60 -2.24 -20.98
N SER A 284 -10.84 -1.04 -21.47
CA SER A 284 -10.52 0.20 -20.77
C SER A 284 -11.33 0.33 -19.49
N ARG A 285 -12.65 0.13 -19.58
CA ARG A 285 -13.51 0.13 -18.40
C ARG A 285 -13.06 -0.92 -17.39
N THR A 286 -12.65 -2.10 -17.86
CA THR A 286 -12.18 -3.14 -16.96
C THR A 286 -10.83 -2.79 -16.30
N VAL A 287 -9.94 -2.11 -17.04
CA VAL A 287 -8.69 -1.61 -16.46
C VAL A 287 -9.02 -0.67 -15.29
N SER A 288 -9.91 0.29 -15.52
CA SER A 288 -10.34 1.24 -14.49
C SER A 288 -10.99 0.60 -13.27
N ASP A 289 -11.93 -0.33 -13.48
CA ASP A 289 -12.57 -1.08 -12.39
C ASP A 289 -11.55 -1.86 -11.56
N SER A 290 -10.60 -2.51 -12.23
CA SER A 290 -9.56 -3.29 -11.58
C SER A 290 -8.69 -2.41 -10.68
N ILE A 291 -8.34 -1.23 -11.20
CA ILE A 291 -7.52 -0.27 -10.45
C ILE A 291 -8.27 0.25 -9.21
N LYS A 292 -9.55 0.57 -9.37
CA LYS A 292 -10.39 0.94 -8.22
C LYS A 292 -10.44 -0.16 -7.16
N LYS A 293 -10.66 -1.40 -7.60
CA LYS A 293 -10.69 -2.55 -6.68
C LYS A 293 -9.33 -2.79 -6.01
N LEU A 294 -8.26 -2.63 -6.77
CA LEU A 294 -6.90 -2.74 -6.23
C LEU A 294 -6.63 -1.69 -5.17
N ILE A 295 -6.91 -0.43 -5.47
CA ILE A 295 -6.69 0.63 -4.49
C ILE A 295 -7.54 0.39 -3.23
N THR A 296 -8.83 0.11 -3.41
CA THR A 296 -9.72 -0.13 -2.25
C THR A 296 -9.30 -1.38 -1.47
N SER A 297 -8.87 -2.43 -2.15
CA SER A 297 -8.31 -3.63 -1.49
C SER A 297 -7.05 -3.34 -0.67
N MET A 298 -6.16 -2.53 -1.24
CA MET A 298 -4.92 -2.14 -0.55
C MET A 298 -5.18 -1.31 0.70
N ARG A 299 -6.12 -0.36 0.61
CA ARG A 299 -6.51 0.45 1.76
C ARG A 299 -7.12 -0.35 2.92
N ASP A 300 -7.91 -1.37 2.58
CA ASP A 300 -8.45 -2.29 3.60
C ASP A 300 -7.34 -2.91 4.46
N LYS A 301 -6.16 -3.12 3.87
CA LYS A 301 -5.09 -3.88 4.55
C LYS A 301 -3.95 -3.05 5.12
N ALA A 302 -4.03 -1.72 5.05
CA ALA A 302 -3.03 -0.86 5.68
C ALA A 302 -3.00 -1.13 7.20
N PRO A 303 -1.83 -0.94 7.85
CA PRO A 303 -1.75 -1.21 9.29
C PRO A 303 -2.78 -0.42 10.12
N GLY A 304 -3.39 -1.08 11.08
CA GLY A 304 -4.39 -0.45 11.93
C GLY A 304 -5.81 -0.37 11.37
N GLN A 305 -6.01 -0.69 10.09
CA GLN A 305 -7.35 -0.54 9.50
C GLN A 305 -8.36 -1.58 9.99
N LEU A 306 -7.98 -2.86 10.00
CA LEU A 306 -8.88 -3.91 10.51
C LEU A 306 -9.24 -3.65 11.99
N GLU A 307 -8.26 -3.23 12.79
CA GLU A 307 -8.48 -3.00 14.21
C GLU A 307 -9.44 -1.83 14.49
N CYS A 308 -9.35 -0.75 13.70
CA CYS A 308 -10.32 0.33 13.77
C CYS A 308 -11.73 -0.19 13.49
N GLU A 309 -11.84 -1.00 12.43
CA GLU A 309 -13.11 -1.62 12.05
C GLU A 309 -13.70 -2.50 13.19
N THR A 310 -12.85 -3.34 13.78
CA THR A 310 -13.22 -4.19 14.91
C THR A 310 -13.63 -3.37 16.16
N ALA A 311 -12.91 -2.28 16.43
CA ALA A 311 -13.22 -1.41 17.56
C ALA A 311 -14.54 -0.68 17.37
N ILE A 312 -14.78 -0.21 16.14
CA ILE A 312 -16.04 0.44 15.79
C ILE A 312 -17.24 -0.50 15.97
N ALA A 313 -17.08 -1.76 15.59
CA ALA A 313 -18.12 -2.77 15.82
C ALA A 313 -18.41 -2.97 17.33
N ALA A 314 -17.35 -3.00 18.14
CA ALA A 314 -17.51 -3.17 19.60
C ALA A 314 -18.20 -1.97 20.25
N LEU A 315 -17.87 -0.76 19.80
CA LEU A 315 -18.53 0.44 20.30
CA LEU A 315 -18.52 0.44 20.29
C LEU A 315 -20.00 0.47 19.91
N ASN A 316 -20.31 0.04 18.69
CA ASN A 316 -21.71 -0.01 18.24
C ASN A 316 -22.54 -1.01 19.06
N SER A 317 -21.92 -2.12 19.43
CA SER A 317 -22.53 -3.10 20.34
C SER A 317 -22.84 -2.50 21.72
N CYS A 318 -21.90 -1.71 22.26
CA CYS A 318 -22.12 -0.94 23.49
C CYS A 318 -23.27 0.08 23.37
N LEU A 319 -23.30 0.78 22.23
CA LEU A 319 -24.39 1.71 21.95
C LEU A 319 -25.77 1.06 21.92
N ARG A 320 -25.88 -0.11 21.28
CA ARG A 320 -27.13 -0.86 21.25
C ARG A 320 -27.61 -1.20 22.67
N ASP A 321 -26.68 -1.66 23.52
CA ASP A 321 -26.98 -1.94 24.91
C ASP A 321 -27.49 -0.71 25.66
N LEU A 322 -26.87 0.43 25.41
CA LEU A 322 -27.25 1.67 26.07
C LEU A 322 -28.62 2.17 25.61
N ASP A 323 -28.88 2.13 24.30
CA ASP A 323 -30.21 2.42 23.76
C ASP A 323 -31.28 1.50 24.33
N GLN A 324 -30.98 0.21 24.39
CA GLN A 324 -31.90 -0.78 24.98
C GLN A 324 -32.22 -0.44 26.44
N ALA A 325 -31.19 -0.15 27.23
CA ALA A 325 -31.40 0.21 28.66
C ALA A 325 -32.18 1.51 28.81
N SER A 326 -31.90 2.46 27.91
CA SER A 326 -32.57 3.76 27.94
CA SER A 326 -32.56 3.77 27.92
C SER A 326 -34.05 3.65 27.64
N LEU A 327 -34.40 2.79 26.68
CA LEU A 327 -35.79 2.56 26.32
C LEU A 327 -36.50 1.79 27.45
N ALA A 328 -35.79 0.83 28.07
CA ALA A 328 -36.35 0.13 29.23
C ALA A 328 -36.57 1.08 30.43
N ALA A 329 -35.61 1.97 30.68
CA ALA A 329 -35.74 2.93 31.78
C ALA A 329 -36.97 3.85 31.63
N VAL A 330 -37.21 4.36 30.42
CA VAL A 330 -38.32 5.32 30.20
C VAL A 330 -39.70 4.67 30.40
N SER A 331 -39.79 3.36 30.18
CA SER A 331 -41.04 2.64 30.43
CA SER A 331 -41.01 2.59 30.42
C SER A 331 -41.01 1.92 31.78
N GLN A 332 -40.05 2.28 32.63
CA GLN A 332 -39.90 1.67 33.96
C GLN A 332 -39.78 0.13 33.89
N GLN A 333 -39.06 -0.36 32.90
CA GLN A 333 -38.82 -1.80 32.76
C GLN A 333 -37.33 -2.16 32.76
N LEU A 334 -36.53 -1.35 33.43
CA LEU A 334 -35.14 -1.67 33.66
C LEU A 334 -34.99 -2.37 35.00
N ALA A 335 -34.72 -3.67 34.98
CA ALA A 335 -34.57 -4.47 36.19
C ALA A 335 -33.31 -4.08 36.98
N PRO A 336 -33.43 -3.91 38.32
CA PRO A 336 -32.26 -3.59 39.13
C PRO A 336 -31.23 -4.74 39.13
N ARG A 337 -29.98 -4.38 38.87
CA ARG A 337 -28.85 -5.32 38.84
C ARG A 337 -28.69 -6.01 40.20
N GLU A 338 -28.72 -7.34 40.21
CA GLU A 338 -28.69 -8.10 41.47
C GLU A 338 -27.27 -8.47 41.92
N GLY A 339 -27.04 -8.41 43.23
CA GLY A 339 -25.83 -8.96 43.84
C GLY A 339 -24.59 -8.09 43.85
N ILE A 340 -24.73 -6.81 43.51
CA ILE A 340 -23.63 -5.85 43.55
C ILE A 340 -24.17 -4.45 43.85
N SER A 341 -23.46 -3.73 44.71
CA SER A 341 -23.94 -2.45 45.23
C SER A 341 -23.78 -1.28 44.25
N GLN A 342 -24.55 -0.23 44.51
CA GLN A 342 -24.52 1.02 43.78
C GLN A 342 -23.12 1.66 43.82
N GLU A 343 -22.48 1.63 45.00
CA GLU A 343 -21.13 2.14 45.17
C GLU A 343 -20.10 1.38 44.31
N ALA A 344 -20.18 0.05 44.34
CA ALA A 344 -19.28 -0.79 43.56
C ALA A 344 -19.47 -0.59 42.06
N LEU A 345 -20.70 -0.35 41.63
CA LEU A 345 -20.97 -0.10 40.22
C LEU A 345 -20.43 1.26 39.76
N HIS A 346 -20.54 2.28 40.62
CA HIS A 346 -19.95 3.59 40.35
C HIS A 346 -18.44 3.56 40.32
N THR A 347 -17.84 2.71 41.14
CA THR A 347 -16.38 2.54 41.14
C THR A 347 -15.90 1.88 39.84
N GLN A 348 -16.65 0.89 39.35
CA GLN A 348 -16.32 0.25 38.08
C GLN A 348 -16.42 1.25 36.92
N MET A 349 -17.43 2.09 36.94
CA MET A 349 -17.57 3.15 35.94
C MET A 349 -16.37 4.12 35.98
N LEU A 350 -16.06 4.64 37.17
CA LEU A 350 -14.98 5.62 37.30
C LEU A 350 -13.64 5.06 36.81
N THR A 351 -13.35 3.82 37.23
CA THR A 351 -12.13 3.11 36.80
C THR A 351 -12.03 3.03 35.28
N ALA A 352 -13.14 2.62 34.65
CA ALA A 352 -13.19 2.51 33.19
C ALA A 352 -13.04 3.89 32.53
N VAL A 353 -13.70 4.89 33.09
CA VAL A 353 -13.67 6.26 32.55
C VAL A 353 -12.26 6.83 32.61
N GLN A 354 -11.55 6.57 33.71
CA GLN A 354 -10.17 7.00 33.87
C GLN A 354 -9.25 6.32 32.86
N GLU A 355 -9.48 5.04 32.60
CA GLU A 355 -8.68 4.34 31.62
C GLU A 355 -8.94 4.84 30.21
N ILE A 356 -10.19 5.12 29.88
CA ILE A 356 -10.53 5.68 28.57
C ILE A 356 -9.86 7.04 28.39
N SER A 357 -9.97 7.87 29.43
CA SER A 357 -9.40 9.21 29.44
C SER A 357 -7.90 9.24 29.18
N HIS A 358 -7.17 8.30 29.79
CA HIS A 358 -5.73 8.19 29.61
C HIS A 358 -5.35 7.77 28.21
N LEU A 359 -6.25 7.12 27.48
CA LEU A 359 -5.95 6.63 26.13
C LEU A 359 -6.24 7.64 24.99
N ILE A 360 -7.00 8.70 25.29
CA ILE A 360 -7.42 9.67 24.26
C ILE A 360 -6.25 10.30 23.48
N GLU A 361 -5.36 11.00 24.18
CA GLU A 361 -4.22 11.67 23.53
C GLU A 361 -3.21 10.69 22.92
N PRO A 362 -2.82 9.61 23.64
CA PRO A 362 -2.04 8.55 22.99
C PRO A 362 -2.64 8.03 21.69
N LEU A 363 -3.96 7.78 21.67
CA LEU A 363 -4.63 7.36 20.43
C LEU A 363 -4.50 8.41 19.33
N ALA A 364 -4.80 9.66 19.63
CA ALA A 364 -4.70 10.72 18.63
C ALA A 364 -3.27 10.84 18.04
N SER A 365 -2.25 10.74 18.90
CA SER A 365 -0.85 10.83 18.44
CA SER A 365 -0.83 10.81 18.45
C SER A 365 -0.50 9.69 17.48
N ALA A 366 -0.96 8.49 17.79
CA ALA A 366 -0.79 7.35 16.87
C ALA A 366 -1.50 7.61 15.53
N ALA A 367 -2.76 8.05 15.58
CA ALA A 367 -3.54 8.42 14.39
C ALA A 367 -2.83 9.45 13.53
N ARG A 368 -2.04 10.30 14.19
CA ARG A 368 -1.36 11.43 13.60
C ARG A 368 -0.06 10.99 12.91
N ALA A 369 0.71 10.13 13.57
CA ALA A 369 2.11 9.87 13.17
C ALA A 369 2.55 8.41 13.09
N GLU A 370 1.94 7.52 13.86
CA GLU A 370 2.50 6.18 14.02
C GLU A 370 1.51 5.05 13.75
N ALA A 371 1.45 4.61 12.51
CA ALA A 371 0.47 3.61 12.09
C ALA A 371 0.65 2.28 12.82
N SER A 372 1.89 1.97 13.18
CA SER A 372 2.22 0.71 13.85
C SER A 372 1.71 0.63 15.28
N GLN A 373 1.40 1.78 15.88
CA GLN A 373 0.83 1.84 17.22
C GLN A 373 -0.69 1.88 17.22
N LEU A 374 -1.26 2.50 16.18
CA LEU A 374 -2.70 2.81 16.10
C LEU A 374 -3.62 1.65 16.41
N GLY A 375 -3.36 0.50 15.79
CA GLY A 375 -4.19 -0.69 15.97
C GLY A 375 -4.33 -1.07 17.43
N HIS A 376 -3.21 -1.04 18.14
CA HIS A 376 -3.15 -1.34 19.57
C HIS A 376 -3.95 -0.37 20.41
N LYS A 377 -3.77 0.92 20.17
CA LYS A 377 -4.43 1.96 20.96
C LYS A 377 -5.95 1.94 20.76
N VAL A 378 -6.37 1.65 19.53
CA VAL A 378 -7.77 1.56 19.16
C VAL A 378 -8.44 0.36 19.84
N SER A 379 -7.71 -0.76 19.93
CA SER A 379 -8.20 -1.98 20.61
C SER A 379 -8.28 -1.79 22.12
N GLN A 380 -7.26 -1.15 22.68
CA GLN A 380 -7.23 -0.84 24.12
C GLN A 380 -8.42 0.01 24.52
N MET A 381 -8.67 1.09 23.77
CA MET A 381 -9.76 2.02 24.00
CA MET A 381 -9.75 2.00 24.10
C MET A 381 -11.11 1.30 23.99
N ALA A 382 -11.33 0.54 22.91
CA ALA A 382 -12.59 -0.16 22.70
C ALA A 382 -12.89 -1.19 23.79
N GLN A 383 -11.87 -1.89 24.29
CA GLN A 383 -12.05 -2.91 25.33
C GLN A 383 -12.66 -2.34 26.60
N TYR A 384 -12.28 -1.12 26.96
CA TYR A 384 -12.79 -0.50 28.18
C TYR A 384 -14.27 -0.15 28.13
N PHE A 385 -14.83 -0.06 26.94
CA PHE A 385 -16.23 0.31 26.78
C PHE A 385 -17.20 -0.80 27.17
N GLU A 386 -16.79 -2.06 27.06
CA GLU A 386 -17.63 -3.17 27.52
C GLU A 386 -17.90 -3.13 29.05
N PRO A 387 -16.83 -3.12 29.90
CA PRO A 387 -17.06 -2.95 31.34
C PRO A 387 -17.80 -1.67 31.72
N LEU A 388 -17.48 -0.56 31.05
CA LEU A 388 -18.17 0.70 31.31
C LEU A 388 -19.67 0.57 31.03
N THR A 389 -20.02 0.01 29.88
CA THR A 389 -21.44 -0.15 29.50
C THR A 389 -22.19 -1.00 30.51
N LEU A 390 -21.62 -2.13 30.88
CA LEU A 390 -22.26 -3.03 31.84
C LEU A 390 -22.41 -2.36 33.20
N ALA A 391 -21.37 -1.67 33.65
CA ALA A 391 -21.43 -0.99 34.94
C ALA A 391 -22.44 0.17 34.91
N ALA A 392 -22.47 0.90 33.80
CA ALA A 392 -23.38 2.05 33.65
C ALA A 392 -24.85 1.60 33.62
N VAL A 393 -25.13 0.55 32.87
CA VAL A 393 -26.47 -0.04 32.85
C VAL A 393 -26.86 -0.53 34.25
N GLY A 394 -25.96 -1.24 34.92
CA GLY A 394 -26.18 -1.61 36.32
C GLY A 394 -26.39 -0.43 37.27
N ALA A 395 -25.50 0.56 37.21
CA ALA A 395 -25.61 1.75 38.07
C ALA A 395 -26.92 2.50 37.82
N ALA A 396 -27.27 2.69 36.55
CA ALA A 396 -28.56 3.28 36.20
C ALA A 396 -29.75 2.50 36.76
N SER A 397 -29.71 1.16 36.64
CA SER A 397 -30.80 0.32 37.12
C SER A 397 -31.09 0.51 38.60
N LYS A 398 -30.08 0.93 39.36
CA LYS A 398 -30.22 1.15 40.79
C LYS A 398 -30.27 2.63 41.19
N THR A 399 -30.34 3.52 40.21
CA THR A 399 -30.40 4.95 40.50
C THR A 399 -31.86 5.29 40.85
N LEU A 400 -32.05 5.87 42.04
CA LEU A 400 -33.37 6.02 42.62
C LEU A 400 -34.26 7.08 41.96
N SER A 401 -33.63 8.17 41.51
CA SER A 401 -34.28 9.23 40.80
C SER A 401 -34.36 8.94 39.29
N HIS A 402 -35.56 9.02 38.74
CA HIS A 402 -35.75 8.74 37.31
C HIS A 402 -35.02 9.70 36.37
N PRO A 403 -35.05 11.03 36.65
CA PRO A 403 -34.24 11.94 35.83
C PRO A 403 -32.74 11.59 35.88
N GLN A 404 -32.22 11.32 37.08
CA GLN A 404 -30.80 10.99 37.24
C GLN A 404 -30.42 9.67 36.59
N GLN A 405 -31.34 8.69 36.63
CA GLN A 405 -31.13 7.41 35.98
C GLN A 405 -30.96 7.60 34.46
N MET A 406 -31.85 8.42 33.89
CA MET A 406 -31.78 8.75 32.47
C MET A 406 -30.54 9.59 32.15
N ALA A 407 -30.16 10.50 33.04
CA ALA A 407 -28.99 11.34 32.78
C ALA A 407 -27.70 10.51 32.74
N LEU A 408 -27.60 9.48 33.58
CA LEU A 408 -26.41 8.63 33.61
C LEU A 408 -26.24 7.88 32.30
N LEU A 409 -27.35 7.34 31.79
CA LEU A 409 -27.34 6.63 30.52
C LEU A 409 -27.02 7.59 29.37
N ASP A 410 -27.68 8.74 29.33
CA ASP A 410 -27.42 9.78 28.33
C ASP A 410 -25.94 10.16 28.26
N GLN A 411 -25.32 10.35 29.41
CA GLN A 411 -23.93 10.80 29.50
C GLN A 411 -22.95 9.69 29.10
N THR A 412 -23.27 8.45 29.48
CA THR A 412 -22.48 7.30 29.03
C THR A 412 -22.59 7.14 27.50
N LYS A 413 -23.78 7.34 26.96
CA LYS A 413 -23.99 7.31 25.52
C LYS A 413 -23.19 8.41 24.80
N THR A 414 -23.15 9.60 25.37
CA THR A 414 -22.39 10.69 24.78
C THR A 414 -20.90 10.37 24.70
N LEU A 415 -20.36 9.75 25.74
CA LEU A 415 -18.96 9.32 25.77
C LEU A 415 -18.67 8.27 24.69
N ALA A 416 -19.54 7.26 24.59
CA ALA A 416 -19.45 6.24 23.54
C ALA A 416 -19.52 6.81 22.12
N GLU A 417 -20.44 7.75 21.88
CA GLU A 417 -20.57 8.38 20.56
C GLU A 417 -19.37 9.27 20.21
N SER A 418 -18.78 9.91 21.22
CA SER A 418 -17.58 10.73 21.00
C SER A 418 -16.38 9.84 20.71
N ALA A 419 -16.35 8.66 21.34
CA ALA A 419 -15.31 7.67 21.07
C ALA A 419 -15.42 7.13 19.64
N LEU A 420 -16.65 6.95 19.18
CA LEU A 420 -16.93 6.50 17.81
C LEU A 420 -16.41 7.53 16.80
N GLN A 421 -16.67 8.80 17.07
CA GLN A 421 -16.23 9.84 16.16
C GLN A 421 -14.70 9.89 16.09
N LEU A 422 -14.05 9.66 17.23
CA LEU A 422 -12.59 9.61 17.25
C LEU A 422 -12.04 8.41 16.48
N LEU A 423 -12.65 7.26 16.65
CA LEU A 423 -12.22 6.05 15.93
C LEU A 423 -12.35 6.22 14.41
N TYR A 424 -13.48 6.74 13.94
CA TYR A 424 -13.66 7.00 12.50
C TYR A 424 -12.65 8.01 11.96
N THR A 425 -12.36 9.05 12.73
CA THR A 425 -11.38 10.05 12.33
C THR A 425 -9.97 9.46 12.30
N ALA A 426 -9.64 8.66 13.32
CA ALA A 426 -8.34 8.00 13.39
C ALA A 426 -8.15 7.01 12.23
N LYS A 427 -9.24 6.34 11.84
CA LYS A 427 -9.20 5.39 10.73
C LYS A 427 -8.89 6.12 9.42
N GLU A 428 -9.50 7.30 9.22
CA GLU A 428 -9.16 8.16 8.08
C GLU A 428 -7.69 8.59 8.07
N ALA A 429 -7.21 9.12 9.20
CA ALA A 429 -5.82 9.60 9.29
C ALA A 429 -4.86 8.43 9.15
N GLY A 430 -5.15 7.35 9.85
CA GLY A 430 -4.46 6.08 9.67
C GLY A 430 -3.02 6.02 10.12
N GLY A 431 -2.57 7.06 10.84
CA GLY A 431 -1.17 7.11 11.28
C GLY A 431 -0.24 7.51 10.14
N ASN A 432 -0.81 8.12 9.10
CA ASN A 432 -0.05 8.62 7.96
C ASN A 432 0.18 10.12 8.10
N PRO A 433 1.45 10.54 8.30
CA PRO A 433 1.76 11.97 8.47
C PRO A 433 1.24 12.86 7.32
N LYS A 434 1.11 12.29 6.12
CA LYS A 434 0.65 13.06 4.97
C LYS A 434 -0.87 13.28 4.93
N GLN A 435 -1.60 12.59 5.81
CA GLN A 435 -3.04 12.80 5.94
C GLN A 435 -3.39 14.03 6.78
N ALA A 436 -2.37 14.66 7.36
CA ALA A 436 -2.54 15.81 8.28
C ALA A 436 -3.45 16.92 7.76
N ALA A 437 -3.18 17.40 6.53
CA ALA A 437 -3.89 18.57 6.00
C ALA A 437 -5.38 18.32 5.79
N HIS A 438 -5.78 17.06 5.87
CA HIS A 438 -7.18 16.69 5.70
C HIS A 438 -7.88 16.31 6.98
N THR A 439 -7.12 15.96 8.02
CA THR A 439 -7.71 15.40 9.24
C THR A 439 -7.37 16.13 10.54
N GLN A 440 -6.45 17.09 10.48
CA GLN A 440 -5.88 17.66 11.71
C GLN A 440 -6.91 18.33 12.62
N TYR A 441 -7.77 19.17 12.01
CA TYR A 441 -8.80 19.88 12.73
C TYR A 441 -9.94 18.98 13.19
N ALA A 442 -10.22 17.93 12.42
CA ALA A 442 -11.23 16.95 12.79
C ALA A 442 -10.76 16.12 13.98
N LEU A 443 -9.47 15.84 14.03
CA LEU A 443 -8.86 15.06 15.10
C LEU A 443 -8.85 15.85 16.39
N TYR A 444 -8.49 17.13 16.29
CA TYR A 444 -8.56 18.09 17.38
C TYR A 444 -9.99 18.19 17.93
N GLU A 445 -10.98 18.24 17.03
CA GLU A 445 -12.40 18.29 17.43
C GLU A 445 -12.79 17.01 18.16
N ALA A 446 -12.46 15.87 17.58
CA ALA A 446 -12.78 14.56 18.17
C ALA A 446 -12.19 14.40 19.57
N VAL A 447 -10.92 14.79 19.74
CA VAL A 447 -10.27 14.77 21.05
C VAL A 447 -10.95 15.74 22.04
N TYR A 448 -11.22 16.97 21.59
CA TYR A 448 -11.98 17.92 22.42
C TYR A 448 -13.33 17.36 22.89
N MET A 449 -14.11 16.78 21.99
CA MET A 449 -15.43 16.25 22.34
C MET A 449 -15.31 15.08 23.34
N MET A 450 -14.35 14.20 23.13
CA MET A 450 -14.09 13.08 24.06
C MET A 450 -13.71 13.57 25.46
N THR A 451 -12.80 14.53 25.50
CA THR A 451 -12.35 15.16 26.76
C THR A 451 -13.53 15.78 27.52
N GLU A 452 -14.40 16.46 26.81
CA GLU A 452 -15.60 17.07 27.39
C GLU A 452 -16.54 15.99 27.97
N ALA A 453 -16.78 14.93 27.21
CA ALA A 453 -17.66 13.85 27.64
C ALA A 453 -17.12 13.10 28.87
N VAL A 454 -15.81 12.92 28.94
CA VAL A 454 -15.15 12.36 30.14
C VAL A 454 -15.38 13.25 31.36
N GLU A 455 -15.14 14.55 31.20
CA GLU A 455 -15.35 15.53 32.26
C GLU A 455 -16.79 15.49 32.82
N ASP A 456 -17.78 15.52 31.92
CA ASP A 456 -19.18 15.53 32.32
C ASP A 456 -19.57 14.25 33.10
N LEU A 457 -19.16 13.09 32.60
CA LEU A 457 -19.46 11.83 33.29
C LEU A 457 -18.69 11.68 34.62
N THR A 458 -17.42 12.08 34.63
CA THR A 458 -16.63 12.11 35.86
C THR A 458 -17.29 12.99 36.94
N THR A 459 -17.75 14.18 36.54
CA THR A 459 -18.47 15.10 37.44
C THR A 459 -19.68 14.41 38.06
N THR A 460 -20.54 13.82 37.23
CA THR A 460 -21.69 13.08 37.72
C THR A 460 -21.30 11.98 38.71
N LEU A 461 -20.24 11.24 38.39
CA LEU A 461 -19.74 10.20 39.28
C LEU A 461 -19.11 10.77 40.55
N ASN A 462 -18.59 11.99 40.49
CA ASN A 462 -18.01 12.61 41.69
C ASN A 462 -19.11 13.10 42.63
N GLU A 463 -20.18 13.65 42.05
CA GLU A 463 -21.34 14.11 42.83
C GLU A 463 -22.02 12.94 43.55
N ALA A 464 -22.10 11.79 42.88
CA ALA A 464 -22.65 10.58 43.48
C ALA A 464 -21.79 10.03 44.63
N ALA A 465 -20.48 10.25 44.55
CA ALA A 465 -19.56 9.86 45.62
C ALA A 465 -19.75 10.74 46.87
N SER A 466 -20.07 12.02 46.65
CA SER A 466 -20.37 12.94 47.74
C SER A 466 -21.75 12.67 48.36
C1 EDO B . 18.80 -4.81 -6.57
O1 EDO B . 17.67 -4.75 -7.43
C2 EDO B . 18.31 -4.62 -5.14
O2 EDO B . 18.66 -5.78 -4.39
C1 EDO C . -26.97 0.02 47.23
O1 EDO C . -26.32 -0.84 48.17
C2 EDO C . -27.45 -0.81 46.05
O2 EDO C . -27.37 -2.20 46.37
C1 EDO D . -6.71 4.73 -13.80
O1 EDO D . -6.06 5.71 -14.61
C2 EDO D . -7.55 3.87 -14.73
O2 EDO D . -8.28 4.74 -15.60
#